data_7O6R
#
_entry.id   7O6R
#
_cell.length_a   65.589
_cell.length_b   50.466
_cell.length_c   86.958
_cell.angle_alpha   90.000
_cell.angle_beta   99.879
_cell.angle_gamma   90.000
#
_symmetry.space_group_name_H-M   'P 1 21 1'
#
loop_
_entity.id
_entity.type
_entity.pdbx_description
1 polymer 'Heat shock cognate 71 kDa protein'
2 non-polymer '4-(2-HYDROXYETHYL)-1-PIPERAZINE ETHANESULFONIC ACID'
3 non-polymer 1H-indazole
4 non-polymer 'DIMETHYL SULFOXIDE'
5 non-polymer GLYCEROL
6 non-polymer 'POTASSIUM ION'
7 non-polymer 'trimethylamine oxide'
8 water water
#
_entity_poly.entity_id   1
_entity_poly.type   'polypeptide(L)'
_entity_poly.pdbx_seq_one_letter_code
;MSKGPAVGIDLGTTYSCVGVFQHGKVEIIANDQGNRTTPSYVAFTDTERLIGDAAKNQVAMNPTNTVFDAKRLIGRRFDD
AVVQSDMKHWPFMVVNDAGRPKVQVEYKGETKSFYPEEVSSMVLTKMKEIAEAYLGKTVTNAVVTVPAYFNDSQRQATKD
AGTIAGLNVLRIINEPTAAAIAYGLDKKVGAERNVLIFDLGGGTFDVSILTIAAGIFEVKSTAGDTHLGGEDFDNRMVNH
FIAEFKRKHKKDISENKRAVRRLRTACERAKRTLSSSTQASIEIDSLYEGIDFYTSITRARFEELNADLFRGTLDPVEKA
LRDAKLDKSQIHDIVLVGGSTRIPKIQKLLQDFFNGKELNKSINPDEAVAYGAAVQAAILSGDKSENVQDLLLLDVTPLS
LGIETAGGVMTVLIKRNTTIPTKQTQTFTTYSDNQPGVLIQVYEGERAMTKDNNLLGKFELTGIPPAPRGVPQIEVTFDI
DANGILNVSAVDKSTGKENKITITNDKGRLSKEDIERMVQEAEKYKAEDEKQRDKVSSKNSLESYAFNMKATVE
;
_entity_poly.pdbx_strand_id   A
#
loop_
_chem_comp.id
_chem_comp.type
_chem_comp.name
_chem_comp.formula
DMS non-polymer 'DIMETHYL SULFOXIDE' 'C2 H6 O S'
EPE non-polymer '4-(2-HYDROXYETHYL)-1-PIPERAZINE ETHANESULFONIC ACID' 'C8 H18 N2 O4 S'
GOL non-polymer GLYCEROL 'C3 H8 O3'
K non-polymer 'POTASSIUM ION' 'K 1'
LZ1 non-polymer 1H-indazole 'C7 H6 N2'
TMO non-polymer 'trimethylamine oxide' 'C3 H9 N O'
#
# COMPACT_ATOMS: atom_id res chain seq x y z
N GLY A 4 -18.43 -18.52 14.35
CA GLY A 4 -16.99 -18.69 14.29
C GLY A 4 -16.23 -17.39 14.09
N PRO A 5 -14.96 -17.37 14.47
CA PRO A 5 -14.16 -16.14 14.34
C PRO A 5 -13.77 -15.85 12.90
N ALA A 6 -13.64 -14.57 12.58
CA ALA A 6 -13.27 -14.14 11.25
C ALA A 6 -11.75 -14.19 11.07
N VAL A 7 -11.30 -14.53 9.87
CA VAL A 7 -9.89 -14.73 9.59
C VAL A 7 -9.32 -13.53 8.85
N GLY A 8 -8.00 -13.39 8.92
CA GLY A 8 -7.28 -12.40 8.15
C GLY A 8 -6.46 -13.09 7.09
N ILE A 9 -6.61 -12.63 5.84
CA ILE A 9 -5.95 -13.28 4.71
C ILE A 9 -5.09 -12.25 3.99
N ASP A 10 -3.79 -12.52 3.94
CA ASP A 10 -2.88 -11.78 3.07
C ASP A 10 -2.86 -12.53 1.74
N LEU A 11 -3.59 -12.03 0.76
CA LEU A 11 -3.59 -12.59 -0.58
C LEU A 11 -2.43 -11.97 -1.34
N GLY A 12 -1.30 -12.67 -1.44
CA GLY A 12 -0.10 -12.07 -1.98
C GLY A 12 0.19 -12.53 -3.40
N THR A 13 1.08 -11.79 -4.06
CA THR A 13 1.45 -12.13 -5.43
C THR A 13 2.04 -13.51 -5.53
N THR A 14 3.00 -13.85 -4.67
CA THR A 14 3.68 -15.15 -4.77
C THR A 14 3.23 -16.15 -3.72
N TYR A 15 2.71 -15.69 -2.58
CA TYR A 15 2.23 -16.58 -1.55
C TYR A 15 1.09 -15.90 -0.82
N SER A 16 0.30 -16.71 -0.12
CA SER A 16 -0.74 -16.20 0.74
C SER A 16 -0.56 -16.77 2.14
N CYS A 17 -1.24 -16.12 3.09
CA CYS A 17 -1.06 -16.37 4.51
C CYS A 17 -2.39 -16.08 5.19
N VAL A 18 -2.79 -16.93 6.13
CA VAL A 18 -4.07 -16.74 6.83
C VAL A 18 -3.84 -16.87 8.33
N GLY A 19 -4.48 -16.00 9.10
CA GLY A 19 -4.29 -15.92 10.54
C GLY A 19 -5.60 -15.64 11.23
N VAL A 20 -5.64 -15.93 12.53
CA VAL A 20 -6.86 -15.75 13.30
C VAL A 20 -6.49 -15.26 14.68
N PHE A 21 -7.28 -14.31 15.19
CA PHE A 21 -7.11 -13.76 16.52
C PHE A 21 -7.99 -14.56 17.46
N GLN A 22 -7.37 -15.32 18.37
CA GLN A 22 -8.09 -16.15 19.33
C GLN A 22 -7.34 -16.18 20.67
N HIS A 23 -8.10 -16.17 21.77
CA HIS A 23 -7.53 -16.20 23.12
C HIS A 23 -6.46 -15.13 23.29
N GLY A 24 -6.78 -13.90 22.87
CA GLY A 24 -5.88 -12.77 23.03
C GLY A 24 -4.63 -12.81 22.18
N LYS A 25 -4.57 -13.66 21.16
CA LYS A 25 -3.33 -13.83 20.42
C LYS A 25 -3.66 -14.19 18.98
N VAL A 26 -2.89 -13.65 18.05
CA VAL A 26 -2.97 -14.06 16.66
C VAL A 26 -2.21 -15.35 16.48
N GLU A 27 -2.80 -16.29 15.78
CA GLU A 27 -2.11 -17.49 15.34
C GLU A 27 -2.11 -17.47 13.81
N ILE A 28 -0.94 -17.66 13.22
CA ILE A 28 -0.83 -17.88 11.79
C ILE A 28 -0.99 -19.36 11.56
N ILE A 29 -1.84 -19.74 10.62
CA ILE A 29 -2.30 -21.12 10.48
C ILE A 29 -1.44 -21.84 9.45
N ALA A 30 -0.81 -22.93 9.89
CA ALA A 30 -0.02 -23.76 8.99
C ALA A 30 -0.94 -24.62 8.12
N ASN A 31 -0.50 -24.88 6.89
CA ASN A 31 -1.27 -25.66 5.93
C ASN A 31 -0.97 -27.15 6.12
N ASP A 32 -1.47 -27.99 5.19
CA ASP A 32 -1.36 -29.45 5.35
C ASP A 32 0.08 -29.93 5.24
N GLN A 33 0.95 -29.16 4.59
CA GLN A 33 2.35 -29.53 4.60
C GLN A 33 3.11 -28.92 5.77
N GLY A 34 2.39 -28.27 6.69
CA GLY A 34 3.02 -27.67 7.85
C GLY A 34 3.62 -26.30 7.60
N ASN A 35 3.26 -25.63 6.50
CA ASN A 35 3.86 -24.36 6.13
C ASN A 35 2.96 -23.20 6.51
N ARG A 36 3.56 -22.13 7.04
CA ARG A 36 2.78 -20.99 7.48
C ARG A 36 2.43 -20.03 6.35
N THR A 37 3.03 -20.20 5.16
CA THR A 37 2.56 -19.52 3.96
C THR A 37 2.32 -20.56 2.88
N THR A 38 1.47 -20.20 1.89
CA THR A 38 1.05 -21.13 0.83
C THR A 38 1.24 -20.43 -0.52
N PRO A 39 1.98 -21.02 -1.46
CA PRO A 39 2.20 -20.34 -2.75
C PRO A 39 0.89 -20.03 -3.44
N SER A 40 0.81 -18.86 -4.08
CA SER A 40 -0.37 -18.43 -4.82
C SER A 40 -0.32 -18.98 -6.25
N TYR A 41 -0.25 -20.31 -6.33
CA TYR A 41 -0.14 -21.04 -7.59
C TYR A 41 -1.34 -21.96 -7.76
N VAL A 42 -1.78 -22.12 -9.01
CA VAL A 42 -2.80 -23.10 -9.36
C VAL A 42 -2.30 -23.87 -10.57
N ALA A 43 -2.37 -25.20 -10.51
CA ALA A 43 -1.92 -26.02 -11.61
C ALA A 43 -3.06 -26.90 -12.10
N PHE A 44 -3.18 -27.00 -13.43
CA PHE A 44 -4.19 -27.84 -14.06
C PHE A 44 -3.45 -28.96 -14.78
N THR A 45 -3.91 -30.20 -14.56
CA THR A 45 -3.25 -31.38 -15.12
C THR A 45 -4.29 -32.25 -15.83
N ASP A 46 -3.88 -33.36 -16.43
CA ASP A 46 -4.90 -34.22 -17.02
C ASP A 46 -5.76 -34.87 -15.94
N THR A 47 -5.25 -34.99 -14.73
CA THR A 47 -6.02 -35.68 -13.71
C THR A 47 -6.79 -34.74 -12.80
N GLU A 48 -6.24 -33.56 -12.48
CA GLU A 48 -6.79 -32.80 -11.37
C GLU A 48 -6.26 -31.36 -11.39
N ARG A 49 -6.80 -30.56 -10.47
CA ARG A 49 -6.38 -29.20 -10.23
C ARG A 49 -5.65 -29.13 -8.89
N LEU A 50 -4.45 -28.57 -8.89
CA LEU A 50 -3.63 -28.45 -7.69
C LEU A 50 -3.57 -26.99 -7.29
N ILE A 51 -3.55 -26.73 -5.98
CA ILE A 51 -3.49 -25.37 -5.45
C ILE A 51 -2.40 -25.32 -4.37
N GLY A 52 -1.57 -24.27 -4.44
CA GLY A 52 -0.59 -24.03 -3.38
C GLY A 52 0.68 -24.86 -3.53
N ASP A 53 1.13 -25.45 -2.42
CA ASP A 53 2.41 -26.17 -2.41
C ASP A 53 2.46 -27.23 -3.50
N ALA A 54 1.38 -27.99 -3.67
CA ALA A 54 1.40 -29.04 -4.69
C ALA A 54 1.59 -28.44 -6.07
N ALA A 55 0.95 -27.29 -6.34
CA ALA A 55 1.09 -26.64 -7.64
C ALA A 55 2.52 -26.17 -7.87
N LYS A 56 3.09 -25.44 -6.90
CA LYS A 56 4.45 -24.93 -7.10
C LYS A 56 5.46 -26.06 -7.28
N ASN A 57 5.27 -27.20 -6.62
CA ASN A 57 6.25 -28.27 -6.66
C ASN A 57 6.43 -28.84 -8.07
N GLN A 58 5.35 -28.92 -8.87
CA GLN A 58 5.40 -29.56 -10.18
C GLN A 58 5.53 -28.55 -11.33
N VAL A 59 5.89 -27.30 -11.03
CA VAL A 59 5.86 -26.24 -12.05
C VAL A 59 6.82 -26.56 -13.20
N ALA A 60 8.03 -27.03 -12.88
CA ALA A 60 9.00 -27.32 -13.93
C ALA A 60 8.52 -28.44 -14.83
N MET A 61 7.60 -29.28 -14.35
CA MET A 61 7.04 -30.37 -15.14
C MET A 61 5.87 -29.92 -16.01
N ASN A 62 5.11 -28.91 -15.58
CA ASN A 62 3.88 -28.50 -16.25
C ASN A 62 3.78 -26.99 -16.35
N PRO A 63 4.81 -26.32 -16.88
CA PRO A 63 4.86 -24.84 -16.77
C PRO A 63 3.76 -24.13 -17.54
N THR A 64 3.27 -24.69 -18.66
CA THR A 64 2.26 -23.96 -19.43
C THR A 64 0.87 -24.02 -18.79
N ASN A 65 0.62 -25.00 -17.93
CA ASN A 65 -0.68 -25.12 -17.27
C ASN A 65 -0.62 -24.77 -15.79
N THR A 66 0.45 -24.11 -15.35
CA THR A 66 0.62 -23.72 -13.96
C THR A 66 0.57 -22.20 -13.87
N VAL A 67 -0.49 -21.68 -13.28
CA VAL A 67 -0.75 -20.25 -13.21
C VAL A 67 -0.25 -19.70 -11.89
N PHE A 68 0.36 -18.53 -11.96
CA PHE A 68 0.82 -17.76 -10.82
C PHE A 68 0.69 -16.29 -11.21
N ASP A 69 0.97 -15.37 -10.29
CA ASP A 69 0.93 -13.93 -10.59
C ASP A 69 -0.46 -13.44 -11.01
N ALA A 70 -1.52 -14.12 -10.58
CA ALA A 70 -2.86 -13.65 -10.94
C ALA A 70 -3.14 -12.26 -10.38
N LYS A 71 -2.50 -11.92 -9.25
CA LYS A 71 -2.69 -10.60 -8.66
C LYS A 71 -2.21 -9.48 -9.59
N ARG A 72 -1.21 -9.74 -10.44
CA ARG A 72 -0.80 -8.76 -11.44
C ARG A 72 -1.85 -8.54 -12.52
N LEU A 73 -2.80 -9.47 -12.69
CA LEU A 73 -3.83 -9.30 -13.71
C LEU A 73 -5.16 -8.82 -13.14
N ILE A 74 -5.38 -9.05 -11.85
CA ILE A 74 -6.71 -8.88 -11.27
C ILE A 74 -7.14 -7.43 -11.41
N GLY A 75 -8.38 -7.23 -11.84
CA GLY A 75 -8.92 -5.91 -11.98
C GLY A 75 -8.48 -5.14 -13.20
N ARG A 76 -7.68 -5.73 -14.10
CA ARG A 76 -7.14 -4.94 -15.21
C ARG A 76 -7.79 -5.34 -16.53
N ARG A 77 -7.67 -4.44 -17.50
CA ARG A 77 -8.06 -4.72 -18.88
C ARG A 77 -6.92 -5.39 -19.64
N PHE A 78 -7.29 -6.20 -20.66
CA PHE A 78 -6.28 -6.87 -21.49
C PHE A 78 -5.32 -5.87 -22.11
N ASP A 79 -5.84 -4.73 -22.59
CA ASP A 79 -5.09 -3.68 -23.26
C ASP A 79 -4.18 -2.87 -22.34
N ASP A 80 -4.27 -3.07 -21.03
CA ASP A 80 -3.41 -2.34 -20.11
C ASP A 80 -1.94 -2.64 -20.40
N ALA A 81 -1.13 -1.57 -20.44
CA ALA A 81 0.29 -1.69 -20.76
C ALA A 81 1.04 -2.57 -19.75
N VAL A 82 0.58 -2.60 -18.50
CA VAL A 82 1.17 -3.51 -17.53
C VAL A 82 0.93 -4.95 -17.96
N VAL A 83 -0.31 -5.27 -18.33
CA VAL A 83 -0.67 -6.63 -18.71
C VAL A 83 0.10 -7.08 -19.94
N GLN A 84 0.30 -6.16 -20.89
CA GLN A 84 1.02 -6.53 -22.11
C GLN A 84 2.48 -6.82 -21.83
N SER A 85 3.12 -6.02 -20.98
CA SER A 85 4.52 -6.26 -20.63
C SER A 85 4.67 -7.53 -19.81
N ASP A 86 3.79 -7.74 -18.82
CA ASP A 86 3.89 -8.91 -17.95
C ASP A 86 3.65 -10.21 -18.70
N MET A 87 2.75 -10.20 -19.70
CA MET A 87 2.45 -11.41 -20.46
C MET A 87 3.72 -12.04 -21.03
N LYS A 88 4.68 -11.21 -21.44
CA LYS A 88 5.84 -11.69 -22.17
C LYS A 88 6.68 -12.66 -21.34
N HIS A 89 6.59 -12.57 -20.02
CA HIS A 89 7.47 -13.33 -19.13
C HIS A 89 6.79 -14.58 -18.56
N TRP A 90 5.50 -14.81 -18.85
CA TRP A 90 4.73 -15.92 -18.30
C TRP A 90 4.66 -17.07 -19.28
N PRO A 91 4.84 -18.31 -18.79
CA PRO A 91 4.75 -19.48 -19.69
C PRO A 91 3.33 -19.88 -20.04
N PHE A 92 2.33 -19.44 -19.28
CA PHE A 92 0.95 -19.74 -19.60
C PHE A 92 0.36 -18.66 -20.48
N MET A 93 -0.70 -19.01 -21.20
CA MET A 93 -1.30 -18.09 -22.15
C MET A 93 -2.33 -17.18 -21.47
N VAL A 94 -2.32 -15.91 -21.85
CA VAL A 94 -3.35 -14.96 -21.45
C VAL A 94 -4.08 -14.50 -22.72
N VAL A 95 -5.40 -14.63 -22.72
CA VAL A 95 -6.22 -14.30 -23.87
C VAL A 95 -7.16 -13.17 -23.50
N ASN A 96 -7.74 -12.56 -24.53
CA ASN A 96 -8.63 -11.42 -24.39
C ASN A 96 -10.07 -11.87 -24.62
N ASP A 97 -10.90 -11.76 -23.58
CA ASP A 97 -12.32 -12.07 -23.72
C ASP A 97 -13.12 -10.79 -23.45
N ALA A 98 -13.59 -10.17 -24.53
CA ALA A 98 -14.45 -8.98 -24.46
C ALA A 98 -13.79 -7.87 -23.65
N GLY A 99 -12.50 -7.66 -23.86
CA GLY A 99 -11.73 -6.66 -23.15
C GLY A 99 -11.12 -7.08 -21.82
N ARG A 100 -11.41 -8.29 -21.36
CA ARG A 100 -10.89 -8.74 -20.08
C ARG A 100 -9.88 -9.87 -20.27
N PRO A 101 -8.75 -9.84 -19.55
CA PRO A 101 -7.79 -10.95 -19.66
C PRO A 101 -8.35 -12.21 -19.01
N LYS A 102 -8.07 -13.36 -19.62
CA LYS A 102 -8.31 -14.66 -18.99
C LYS A 102 -7.07 -15.53 -19.16
N VAL A 103 -6.76 -16.35 -18.16
CA VAL A 103 -5.70 -17.35 -18.32
C VAL A 103 -6.30 -18.56 -19.01
N GLN A 104 -5.57 -19.10 -19.98
CA GLN A 104 -6.06 -20.22 -20.77
C GLN A 104 -5.11 -21.39 -20.62
N VAL A 105 -5.65 -22.53 -20.27
CA VAL A 105 -4.87 -23.70 -19.88
C VAL A 105 -5.59 -24.95 -20.40
N GLU A 106 -4.89 -26.07 -20.37
CA GLU A 106 -5.48 -27.37 -20.67
C GLU A 106 -5.77 -28.09 -19.36
N TYR A 107 -7.02 -28.53 -19.19
CA TYR A 107 -7.46 -29.15 -17.94
C TYR A 107 -8.26 -30.40 -18.29
N LYS A 108 -7.75 -31.57 -17.88
CA LYS A 108 -8.39 -32.84 -18.17
C LYS A 108 -8.63 -33.00 -19.68
N GLY A 109 -7.64 -32.58 -20.47
CA GLY A 109 -7.72 -32.75 -21.94
C GLY A 109 -8.56 -31.68 -22.62
N GLU A 110 -9.14 -30.76 -21.85
CA GLU A 110 -10.04 -29.73 -22.45
C GLU A 110 -9.43 -28.35 -22.26
N THR A 111 -9.39 -27.53 -23.32
CA THR A 111 -8.90 -26.14 -23.17
C THR A 111 -9.88 -25.38 -22.26
N LYS A 112 -9.38 -24.64 -21.27
CA LYS A 112 -10.26 -23.91 -20.32
C LYS A 112 -9.69 -22.51 -20.08
N SER A 113 -10.56 -21.54 -19.80
CA SER A 113 -10.13 -20.17 -19.55
C SER A 113 -10.74 -19.66 -18.25
N PHE A 114 -9.95 -18.92 -17.49
CA PHE A 114 -10.37 -18.43 -16.17
C PHE A 114 -10.04 -16.95 -16.04
N TYR A 115 -11.01 -16.16 -15.57
CA TYR A 115 -10.75 -14.79 -15.15
C TYR A 115 -9.74 -14.77 -14.00
N PRO A 116 -9.00 -13.65 -13.87
CA PRO A 116 -8.02 -13.55 -12.76
C PRO A 116 -8.66 -13.71 -11.40
N GLU A 117 -9.87 -13.21 -11.20
CA GLU A 117 -10.51 -13.35 -9.90
C GLU A 117 -10.91 -14.81 -9.64
N GLU A 118 -11.26 -15.55 -10.71
CA GLU A 118 -11.52 -16.98 -10.51
C GLU A 118 -10.27 -17.69 -10.02
N VAL A 119 -9.10 -17.37 -10.59
CA VAL A 119 -7.86 -17.99 -10.14
C VAL A 119 -7.58 -17.61 -8.69
N SER A 120 -7.72 -16.32 -8.37
CA SER A 120 -7.50 -15.92 -6.98
C SER A 120 -8.53 -16.52 -6.03
N SER A 121 -9.74 -16.81 -6.52
CA SER A 121 -10.73 -17.43 -5.64
C SER A 121 -10.35 -18.85 -5.29
N MET A 122 -9.60 -19.51 -6.17
CA MET A 122 -9.10 -20.84 -5.89
C MET A 122 -8.01 -20.80 -4.82
N VAL A 123 -7.19 -19.75 -4.84
CA VAL A 123 -6.24 -19.55 -3.76
C VAL A 123 -7.01 -19.28 -2.46
N LEU A 124 -8.05 -18.45 -2.53
CA LEU A 124 -8.82 -18.14 -1.33
C LEU A 124 -9.58 -19.36 -0.79
N THR A 125 -10.08 -20.23 -1.67
CA THR A 125 -10.69 -21.48 -1.23
C THR A 125 -9.69 -22.33 -0.45
N LYS A 126 -8.45 -22.42 -0.93
CA LYS A 126 -7.43 -23.17 -0.22
C LYS A 126 -7.12 -22.55 1.13
N MET A 127 -6.98 -21.21 1.19
CA MET A 127 -6.81 -20.52 2.47
C MET A 127 -8.00 -20.77 3.38
N LYS A 128 -9.22 -20.69 2.84
CA LYS A 128 -10.41 -20.96 3.64
C LYS A 128 -10.39 -22.40 4.17
N GLU A 129 -9.98 -23.36 3.34
CA GLU A 129 -9.91 -24.75 3.79
C GLU A 129 -8.83 -24.95 4.86
N ILE A 130 -7.69 -24.28 4.69
CA ILE A 130 -6.62 -24.36 5.68
C ILE A 130 -7.11 -23.86 7.03
N ALA A 131 -7.90 -22.78 7.02
CA ALA A 131 -8.40 -22.25 8.29
C ALA A 131 -9.48 -23.13 8.90
N GLU A 132 -10.28 -23.80 8.06
CA GLU A 132 -11.35 -24.63 8.60
C GLU A 132 -10.79 -25.90 9.24
N ALA A 133 -9.72 -26.44 8.66
CA ALA A 133 -9.02 -27.56 9.28
C ALA A 133 -8.47 -27.18 10.64
N TYR A 134 -7.86 -25.99 10.74
CA TYR A 134 -7.28 -25.53 12.01
C TYR A 134 -8.38 -25.29 13.04
N LEU A 135 -9.45 -24.59 12.65
CA LEU A 135 -10.49 -24.18 13.59
C LEU A 135 -11.54 -25.25 13.84
N GLY A 136 -11.60 -26.29 13.00
CA GLY A 136 -12.62 -27.32 13.16
C GLY A 136 -14.02 -26.82 12.95
N LYS A 137 -14.20 -25.75 12.18
CA LYS A 137 -15.53 -25.19 11.93
C LYS A 137 -15.48 -24.36 10.66
N THR A 138 -16.64 -24.12 10.06
CA THR A 138 -16.67 -23.41 8.80
C THR A 138 -16.23 -21.96 8.98
N VAL A 139 -15.55 -21.43 7.98
CA VAL A 139 -15.08 -20.06 7.99
C VAL A 139 -15.78 -19.34 6.85
N THR A 140 -16.56 -18.30 7.17
CA THR A 140 -17.25 -17.51 6.17
C THR A 140 -16.85 -16.04 6.16
N ASN A 141 -16.35 -15.50 7.26
CA ASN A 141 -15.99 -14.08 7.34
C ASN A 141 -14.48 -13.90 7.25
N ALA A 142 -14.04 -12.87 6.51
CA ALA A 142 -12.62 -12.66 6.32
C ALA A 142 -12.33 -11.19 6.04
N VAL A 143 -11.14 -10.77 6.42
CA VAL A 143 -10.55 -9.50 5.98
C VAL A 143 -9.44 -9.82 5.00
N VAL A 144 -9.48 -9.20 3.82
CA VAL A 144 -8.48 -9.47 2.79
C VAL A 144 -7.73 -8.19 2.45
N THR A 145 -6.42 -8.29 2.30
CA THR A 145 -5.59 -7.14 2.03
C THR A 145 -5.22 -7.03 0.53
N VAL A 146 -4.96 -5.79 0.12
CA VAL A 146 -4.52 -5.43 -1.23
C VAL A 146 -3.41 -4.40 -1.12
N PRO A 147 -2.58 -4.23 -2.15
CA PRO A 147 -1.61 -3.13 -2.14
C PRO A 147 -2.33 -1.79 -2.08
N ALA A 148 -1.64 -0.80 -1.48
CA ALA A 148 -2.28 0.49 -1.29
C ALA A 148 -2.59 1.17 -2.63
N TYR A 149 -1.83 0.91 -3.67
CA TYR A 149 -2.03 1.54 -4.96
C TYR A 149 -3.14 0.90 -5.80
N PHE A 150 -3.75 -0.20 -5.34
CA PHE A 150 -4.89 -0.78 -6.05
C PHE A 150 -6.02 0.24 -6.20
N ASN A 151 -6.56 0.35 -7.42
CA ASN A 151 -7.70 1.24 -7.67
C ASN A 151 -9.00 0.51 -7.33
N ASP A 152 -10.13 1.16 -7.59
CA ASP A 152 -11.43 0.59 -7.25
C ASP A 152 -11.71 -0.70 -8.01
N SER A 153 -11.27 -0.80 -9.28
CA SER A 153 -11.56 -2.02 -10.02
C SER A 153 -10.77 -3.20 -9.47
N GLN A 154 -9.51 -2.97 -9.09
CA GLN A 154 -8.72 -4.06 -8.51
C GLN A 154 -9.26 -4.48 -7.15
N ARG A 155 -9.72 -3.52 -6.36
CA ARG A 155 -10.31 -3.82 -5.06
C ARG A 155 -11.59 -4.62 -5.22
N GLN A 156 -12.47 -4.17 -6.12
CA GLN A 156 -13.71 -4.89 -6.36
C GLN A 156 -13.44 -6.30 -6.88
N ALA A 157 -12.45 -6.46 -7.75
CA ALA A 157 -12.17 -7.79 -8.28
C ALA A 157 -11.63 -8.71 -7.20
N THR A 158 -10.96 -8.13 -6.20
CA THR A 158 -10.42 -8.95 -5.08
C THR A 158 -11.59 -9.42 -4.21
N LYS A 159 -12.56 -8.54 -3.96
CA LYS A 159 -13.76 -8.89 -3.16
C LYS A 159 -14.54 -9.99 -3.89
N ASP A 160 -14.67 -9.87 -5.22
CA ASP A 160 -15.41 -10.87 -6.02
C ASP A 160 -14.77 -12.26 -5.82
N ALA A 161 -13.45 -12.33 -5.89
CA ALA A 161 -12.75 -13.60 -5.66
C ALA A 161 -13.11 -14.17 -4.29
N GLY A 162 -13.16 -13.32 -3.27
CA GLY A 162 -13.59 -13.77 -1.96
C GLY A 162 -15.01 -14.29 -1.98
N THR A 163 -15.92 -13.61 -2.70
CA THR A 163 -17.29 -14.08 -2.79
C THR A 163 -17.36 -15.40 -3.54
N ILE A 164 -16.68 -15.49 -4.68
CA ILE A 164 -16.69 -16.75 -5.44
C ILE A 164 -16.19 -17.89 -4.56
N ALA A 165 -15.21 -17.61 -3.69
CA ALA A 165 -14.72 -18.65 -2.77
C ALA A 165 -15.69 -18.92 -1.62
N GLY A 166 -16.79 -18.20 -1.50
CA GLY A 166 -17.69 -18.39 -0.39
C GLY A 166 -17.33 -17.64 0.88
N LEU A 167 -16.42 -16.66 0.79
CA LEU A 167 -16.12 -15.80 1.92
C LEU A 167 -17.01 -14.56 1.88
N ASN A 168 -17.45 -14.14 3.05
CA ASN A 168 -18.08 -12.83 3.20
C ASN A 168 -16.95 -11.88 3.60
N VAL A 169 -16.50 -11.06 2.65
CA VAL A 169 -15.37 -10.16 2.86
C VAL A 169 -15.87 -8.97 3.68
N LEU A 170 -15.49 -8.92 4.96
CA LEU A 170 -15.90 -7.81 5.81
C LEU A 170 -15.33 -6.49 5.28
N ARG A 171 -14.06 -6.50 4.88
CA ARG A 171 -13.41 -5.26 4.47
C ARG A 171 -12.17 -5.64 3.68
N ILE A 172 -11.89 -4.84 2.65
CA ILE A 172 -10.62 -4.87 1.94
C ILE A 172 -9.76 -3.75 2.54
N ILE A 173 -8.61 -4.09 3.13
CA ILE A 173 -7.72 -3.08 3.71
C ILE A 173 -6.36 -3.12 3.05
N ASN A 174 -5.68 -1.97 3.06
CA ASN A 174 -4.36 -1.87 2.44
C ASN A 174 -3.31 -2.64 3.24
N GLU A 175 -2.38 -3.29 2.51
CA GLU A 175 -1.28 -4.00 3.15
C GLU A 175 -0.47 -3.15 4.13
N PRO A 176 -0.01 -1.93 3.81
CA PRO A 176 0.75 -1.16 4.82
C PRO A 176 -0.05 -0.85 6.08
N THR A 177 -1.37 -0.63 5.95
CA THR A 177 -2.23 -0.44 7.11
C THR A 177 -2.29 -1.71 7.95
N ALA A 178 -2.48 -2.86 7.29
CA ALA A 178 -2.40 -4.14 7.99
C ALA A 178 -1.12 -4.24 8.80
N ALA A 179 0.02 -3.91 8.18
CA ALA A 179 1.31 -4.00 8.87
C ALA A 179 1.34 -3.07 10.07
N ALA A 180 0.84 -1.84 9.91
CA ALA A 180 0.86 -0.90 11.02
C ALA A 180 -0.03 -1.36 12.17
N ILE A 181 -1.18 -1.97 11.84
CA ILE A 181 -2.06 -2.52 12.87
C ILE A 181 -1.37 -3.64 13.62
N ALA A 182 -0.69 -4.53 12.87
CA ALA A 182 0.09 -5.61 13.49
C ALA A 182 1.01 -5.09 14.58
N TYR A 183 1.59 -3.92 14.39
CA TYR A 183 2.54 -3.36 15.36
C TYR A 183 1.88 -2.42 16.35
N GLY A 184 0.55 -2.35 16.38
CA GLY A 184 -0.14 -1.51 17.36
C GLY A 184 0.13 -0.03 17.22
N LEU A 185 0.41 0.45 16.00
CA LEU A 185 0.67 1.86 15.83
C LEU A 185 -0.61 2.69 15.80
N ASP A 186 -1.75 2.03 15.61
CA ASP A 186 -3.03 2.74 15.69
C ASP A 186 -3.48 2.97 17.12
N LYS A 187 -3.01 2.15 18.07
CA LYS A 187 -3.44 2.26 19.45
C LYS A 187 -2.68 3.32 20.23
N LYS A 188 -1.95 4.23 19.56
CA LYS A 188 -1.05 5.14 20.27
C LYS A 188 -1.81 6.24 21.01
N VAL A 189 -2.97 6.67 20.50
CA VAL A 189 -3.81 7.72 21.08
C VAL A 189 -3.00 8.94 21.53
N GLY A 190 -2.45 9.67 20.58
CA GLY A 190 -1.79 10.95 20.85
C GLY A 190 -1.75 11.83 19.62
N ALA A 191 -0.81 12.79 19.56
CA ALA A 191 -0.61 13.58 18.34
C ALA A 191 -0.33 12.67 17.15
N GLU A 192 -0.51 13.17 15.93
CA GLU A 192 -0.42 12.28 14.77
C GLU A 192 1.00 11.76 14.59
N ARG A 193 1.12 10.55 14.11
CA ARG A 193 2.40 9.96 13.82
C ARG A 193 2.52 9.68 12.34
N ASN A 194 3.71 9.92 11.78
CA ASN A 194 4.03 9.55 10.40
C ASN A 194 4.74 8.20 10.45
N VAL A 195 4.27 7.27 9.64
CA VAL A 195 4.77 5.90 9.64
C VAL A 195 5.19 5.52 8.23
N LEU A 196 6.40 4.96 8.11
CA LEU A 196 6.92 4.46 6.85
C LEU A 196 6.87 2.94 6.85
N ILE A 197 6.23 2.36 5.83
CA ILE A 197 6.15 0.92 5.67
C ILE A 197 7.05 0.55 4.51
N PHE A 198 8.05 -0.26 4.79
CA PHE A 198 9.08 -0.70 3.86
C PHE A 198 8.82 -2.17 3.59
N ASP A 199 8.34 -2.50 2.39
CA ASP A 199 7.77 -3.84 2.11
C ASP A 199 8.49 -4.45 0.91
N LEU A 200 9.48 -5.29 1.18
CA LEU A 200 10.31 -5.90 0.15
C LEU A 200 10.07 -7.40 0.18
N GLY A 201 9.19 -7.89 -0.70
CA GLY A 201 8.86 -9.30 -0.66
C GLY A 201 7.71 -9.67 -1.57
N GLY A 202 7.55 -10.97 -1.83
CA GLY A 202 6.54 -11.41 -2.76
C GLY A 202 6.70 -10.81 -4.15
N GLY A 203 7.94 -10.58 -4.57
CA GLY A 203 8.21 -10.16 -5.93
C GLY A 203 8.05 -8.67 -6.20
N THR A 204 7.62 -7.89 -5.20
CA THR A 204 7.41 -6.47 -5.36
C THR A 204 8.10 -5.71 -4.23
N PHE A 205 8.37 -4.44 -4.48
CA PHE A 205 8.91 -3.55 -3.47
C PHE A 205 7.96 -2.38 -3.34
N ASP A 206 7.36 -2.22 -2.17
CA ASP A 206 6.42 -1.13 -1.94
C ASP A 206 6.87 -0.30 -0.75
N VAL A 207 6.87 1.02 -0.90
CA VAL A 207 7.11 1.92 0.23
C VAL A 207 5.87 2.78 0.39
N SER A 208 5.37 2.87 1.62
CA SER A 208 4.19 3.65 1.89
C SER A 208 4.43 4.52 3.11
N ILE A 209 3.96 5.77 3.03
CA ILE A 209 3.92 6.66 4.19
C ILE A 209 2.47 6.86 4.61
N LEU A 210 2.17 6.60 5.88
CA LEU A 210 0.84 6.75 6.45
C LEU A 210 0.89 7.80 7.55
N THR A 211 -0.24 8.47 7.81
CA THR A 211 -0.42 9.22 9.05
C THR A 211 -1.48 8.53 9.89
N ILE A 212 -1.27 8.48 11.20
CA ILE A 212 -2.25 7.81 12.05
C ILE A 212 -2.56 8.73 13.22
N ALA A 213 -3.84 8.96 13.45
CA ALA A 213 -4.27 9.78 14.56
C ALA A 213 -5.72 9.45 14.85
N ALA A 214 -6.04 9.24 16.14
CA ALA A 214 -7.41 8.98 16.58
C ALA A 214 -8.00 7.78 15.87
N GLY A 215 -7.17 6.74 15.69
CA GLY A 215 -7.64 5.51 15.08
C GLY A 215 -7.85 5.55 13.57
N ILE A 216 -7.42 6.60 12.88
CA ILE A 216 -7.70 6.77 11.46
C ILE A 216 -6.39 6.78 10.68
N PHE A 217 -6.29 5.92 9.66
CA PHE A 217 -5.14 5.86 8.78
C PHE A 217 -5.39 6.65 7.51
N GLU A 218 -4.42 7.46 7.10
CA GLU A 218 -4.45 8.09 5.78
C GLU A 218 -3.15 7.77 5.06
N VAL A 219 -3.25 7.26 3.83
CA VAL A 219 -2.08 7.02 2.98
C VAL A 219 -1.63 8.36 2.38
N LYS A 220 -0.42 8.78 2.72
CA LYS A 220 0.06 10.06 2.19
C LYS A 220 0.73 9.87 0.85
N SER A 221 1.56 8.83 0.71
CA SER A 221 2.26 8.62 -0.54
C SER A 221 2.66 7.16 -0.66
N THR A 222 2.89 6.71 -1.89
CA THR A 222 3.40 5.37 -2.17
C THR A 222 4.41 5.45 -3.30
N ALA A 223 5.43 4.59 -3.23
CA ALA A 223 6.41 4.44 -4.31
C ALA A 223 6.89 3.00 -4.30
N GLY A 224 7.71 2.64 -5.29
CA GLY A 224 8.34 1.33 -5.23
C GLY A 224 8.71 0.81 -6.60
N ASP A 225 8.87 -0.51 -6.67
CA ASP A 225 9.26 -1.21 -7.89
C ASP A 225 8.48 -2.52 -7.96
N THR A 226 7.61 -2.64 -8.95
CA THR A 226 6.72 -3.79 -9.08
C THR A 226 7.43 -5.09 -9.49
N HIS A 227 8.71 -5.03 -9.87
CA HIS A 227 9.41 -6.24 -10.29
C HIS A 227 10.74 -6.42 -9.56
N LEU A 228 10.81 -6.04 -8.28
CA LEU A 228 11.99 -6.22 -7.44
C LEU A 228 11.68 -7.19 -6.29
N GLY A 229 12.50 -8.21 -6.14
CA GLY A 229 12.28 -9.16 -5.08
C GLY A 229 13.46 -10.08 -4.88
N GLY A 230 13.24 -11.10 -4.04
CA GLY A 230 14.32 -11.99 -3.67
C GLY A 230 14.92 -12.76 -4.84
N GLU A 231 14.11 -13.04 -5.86
CA GLU A 231 14.65 -13.78 -7.00
C GLU A 231 15.73 -13.00 -7.73
N ASP A 232 15.63 -11.67 -7.76
CA ASP A 232 16.67 -10.88 -8.39
C ASP A 232 18.00 -10.97 -7.63
N PHE A 233 17.96 -11.03 -6.29
CA PHE A 233 19.20 -11.20 -5.54
C PHE A 233 19.80 -12.57 -5.79
N ASP A 234 18.96 -13.62 -5.76
CA ASP A 234 19.41 -14.98 -6.07
C ASP A 234 19.99 -15.07 -7.48
N ASN A 235 19.38 -14.37 -8.43
CA ASN A 235 19.87 -14.44 -9.80
C ASN A 235 21.28 -13.87 -9.92
N ARG A 236 21.59 -12.80 -9.16
CA ARG A 236 22.94 -12.26 -9.19
C ARG A 236 23.95 -13.29 -8.72
N MET A 237 23.57 -14.12 -7.74
CA MET A 237 24.46 -15.16 -7.25
C MET A 237 24.62 -16.28 -8.27
N VAL A 238 23.52 -16.61 -8.96
CA VAL A 238 23.56 -17.67 -9.96
C VAL A 238 24.54 -17.32 -11.07
N ASN A 239 24.44 -16.10 -11.59
CA ASN A 239 25.35 -15.72 -12.67
C ASN A 239 26.78 -15.66 -12.19
N HIS A 240 26.99 -15.19 -10.95
CA HIS A 240 28.34 -15.22 -10.37
C HIS A 240 28.90 -16.65 -10.42
N PHE A 241 28.12 -17.65 -9.98
CA PHE A 241 28.66 -19.01 -9.90
C PHE A 241 28.81 -19.66 -11.26
N ILE A 242 27.91 -19.37 -12.21
CA ILE A 242 28.10 -19.80 -13.59
C ILE A 242 29.46 -19.31 -14.12
N ALA A 243 29.77 -18.04 -13.85
CA ALA A 243 31.06 -17.48 -14.29
C ALA A 243 32.22 -18.13 -13.56
N GLU A 244 32.09 -18.35 -12.24
CA GLU A 244 33.14 -19.04 -11.50
C GLU A 244 33.36 -20.46 -12.03
N PHE A 245 32.28 -21.16 -12.38
CA PHE A 245 32.43 -22.51 -12.92
C PHE A 245 33.10 -22.46 -14.28
N LYS A 246 32.65 -21.54 -15.15
CA LYS A 246 33.26 -21.39 -16.47
C LYS A 246 34.74 -21.07 -16.35
N ARG A 247 35.10 -20.27 -15.35
CA ARG A 247 36.53 -19.87 -15.19
C ARG A 247 37.34 -21.06 -14.69
N LYS A 248 36.79 -21.84 -13.74
CA LYS A 248 37.58 -22.91 -13.15
C LYS A 248 37.65 -24.15 -14.04
N HIS A 249 36.56 -24.49 -14.74
CA HIS A 249 36.50 -25.75 -15.47
C HIS A 249 36.29 -25.57 -16.96
N LYS A 250 36.25 -24.33 -17.45
CA LYS A 250 36.12 -24.02 -18.87
C LYS A 250 34.86 -24.65 -19.47
N LYS A 251 33.82 -24.78 -18.64
CA LYS A 251 32.52 -25.28 -19.08
C LYS A 251 31.43 -24.26 -18.73
N ASP A 252 30.49 -24.06 -19.65
CA ASP A 252 29.31 -23.23 -19.40
C ASP A 252 28.12 -24.13 -19.09
N ILE A 253 27.60 -24.05 -17.85
CA ILE A 253 26.48 -24.90 -17.47
C ILE A 253 25.14 -24.34 -17.89
N SER A 254 25.11 -23.12 -18.44
CA SER A 254 23.86 -22.51 -18.87
C SER A 254 23.09 -23.38 -19.84
N GLU A 255 23.77 -24.28 -20.56
CA GLU A 255 23.11 -25.18 -21.51
C GLU A 255 22.08 -26.06 -20.80
N ASN A 256 22.37 -26.47 -19.57
CA ASN A 256 21.65 -27.54 -18.91
C ASN A 256 20.64 -26.98 -17.92
N LYS A 257 19.36 -27.10 -18.28
CA LYS A 257 18.28 -26.53 -17.48
C LYS A 257 18.30 -27.04 -16.03
N ARG A 258 18.48 -28.35 -15.83
CA ARG A 258 18.42 -28.87 -14.45
C ARG A 258 19.61 -28.38 -13.64
N ALA A 259 20.80 -28.33 -14.26
CA ALA A 259 21.99 -27.81 -13.59
C ALA A 259 21.76 -26.39 -13.07
N VAL A 260 21.17 -25.53 -13.89
CA VAL A 260 20.86 -24.17 -13.46
C VAL A 260 19.83 -24.19 -12.33
N ARG A 261 18.86 -25.08 -12.40
CA ARG A 261 17.85 -25.19 -11.35
C ARG A 261 18.48 -25.61 -10.02
N ARG A 262 19.35 -26.62 -10.05
CA ARG A 262 20.06 -27.03 -8.84
C ARG A 262 20.91 -25.89 -8.27
N LEU A 263 21.63 -25.17 -9.13
CA LEU A 263 22.44 -24.04 -8.66
C LEU A 263 21.55 -22.97 -8.01
N ARG A 264 20.43 -22.64 -8.68
N ARG A 264 20.44 -22.63 -8.68
CA ARG A 264 19.54 -21.61 -8.15
CA ARG A 264 19.52 -21.63 -8.17
C ARG A 264 18.97 -22.01 -6.81
C ARG A 264 18.98 -22.02 -6.80
N THR A 265 18.61 -23.29 -6.63
CA THR A 265 18.13 -23.75 -5.34
C THR A 265 19.21 -23.59 -4.28
N ALA A 266 20.44 -23.97 -4.61
CA ALA A 266 21.55 -23.81 -3.69
C ALA A 266 21.75 -22.34 -3.32
N CYS A 267 21.57 -21.44 -4.30
CA CYS A 267 21.79 -20.02 -4.07
C CYS A 267 20.72 -19.40 -3.19
N GLU A 268 19.46 -19.85 -3.34
CA GLU A 268 18.43 -19.37 -2.42
C GLU A 268 18.76 -19.80 -0.99
N ARG A 269 19.17 -21.05 -0.81
CA ARG A 269 19.54 -21.53 0.52
C ARG A 269 20.68 -20.70 1.11
N ALA A 270 21.73 -20.46 0.30
CA ALA A 270 22.86 -19.66 0.79
C ALA A 270 22.44 -18.24 1.13
N LYS A 271 21.52 -17.65 0.34
CA LYS A 271 21.06 -16.31 0.65
C LYS A 271 20.45 -16.26 2.05
N ARG A 272 19.63 -17.26 2.39
CA ARG A 272 19.04 -17.28 3.72
C ARG A 272 20.11 -17.49 4.79
N THR A 273 21.10 -18.34 4.54
CA THR A 273 22.20 -18.49 5.51
C THR A 273 22.91 -17.16 5.75
N LEU A 274 23.12 -16.37 4.69
CA LEU A 274 23.85 -15.11 4.80
C LEU A 274 23.11 -14.06 5.61
N SER A 275 21.82 -14.26 5.89
CA SER A 275 21.09 -13.33 6.75
C SER A 275 21.45 -13.50 8.22
N SER A 276 22.02 -14.65 8.60
CA SER A 276 22.40 -14.88 9.99
C SER A 276 23.88 -15.22 10.20
N SER A 277 24.64 -15.49 9.14
CA SER A 277 26.06 -15.79 9.21
C SER A 277 26.78 -14.94 8.18
N THR A 278 28.11 -14.86 8.28
CA THR A 278 28.87 -14.00 7.38
C THR A 278 29.41 -14.75 6.17
N GLN A 279 29.08 -16.02 6.03
CA GLN A 279 29.55 -16.82 4.90
C GLN A 279 28.65 -18.04 4.77
N ALA A 280 28.49 -18.52 3.54
CA ALA A 280 27.66 -19.68 3.25
C ALA A 280 28.42 -20.63 2.34
N SER A 281 28.14 -21.93 2.47
CA SER A 281 28.80 -22.96 1.68
C SER A 281 27.87 -23.46 0.58
N ILE A 282 28.39 -23.62 -0.62
CA ILE A 282 27.66 -24.22 -1.74
C ILE A 282 28.30 -25.57 -2.04
N GLU A 283 27.50 -26.64 -1.96
CA GLU A 283 27.97 -28.01 -2.18
C GLU A 283 27.00 -28.71 -3.11
N ILE A 284 27.39 -28.88 -4.38
CA ILE A 284 26.54 -29.57 -5.36
C ILE A 284 27.35 -30.70 -5.99
N ASP A 285 26.89 -31.94 -5.82
CA ASP A 285 27.58 -33.12 -6.41
C ASP A 285 27.23 -33.25 -7.90
N SER A 286 28.23 -33.48 -8.75
CA SER A 286 27.99 -33.74 -10.20
C SER A 286 27.11 -32.65 -10.83
N LEU A 287 27.45 -31.38 -10.60
CA LEU A 287 26.66 -30.25 -11.17
C LEU A 287 26.69 -30.32 -12.71
N TYR A 288 27.83 -30.64 -13.30
CA TYR A 288 27.93 -30.58 -14.76
C TYR A 288 29.15 -31.37 -15.21
N GLU A 289 28.98 -32.18 -16.24
CA GLU A 289 30.04 -33.06 -16.75
C GLU A 289 30.73 -33.81 -15.60
N GLY A 290 29.95 -34.19 -14.60
CA GLY A 290 30.46 -35.00 -13.52
C GLY A 290 31.36 -34.27 -12.54
N ILE A 291 31.40 -32.95 -12.59
CA ILE A 291 32.29 -32.15 -11.75
C ILE A 291 31.51 -31.68 -10.53
N ASP A 292 31.99 -32.03 -9.34
CA ASP A 292 31.43 -31.48 -8.11
C ASP A 292 31.76 -30.01 -7.98
N PHE A 293 30.80 -29.22 -7.50
CA PHE A 293 30.97 -27.79 -7.34
C PHE A 293 30.88 -27.46 -5.86
N TYR A 294 32.03 -27.47 -5.19
CA TYR A 294 32.13 -27.14 -3.77
C TYR A 294 32.79 -25.78 -3.63
N THR A 295 32.08 -24.82 -3.06
CA THR A 295 32.61 -23.48 -2.94
C THR A 295 31.93 -22.78 -1.78
N SER A 296 32.11 -21.46 -1.71
CA SER A 296 31.63 -20.65 -0.61
C SER A 296 31.37 -19.25 -1.14
N ILE A 297 30.60 -18.47 -0.40
CA ILE A 297 30.42 -17.05 -0.70
C ILE A 297 30.28 -16.31 0.62
N THR A 298 30.92 -15.15 0.74
CA THR A 298 30.82 -14.31 1.92
C THR A 298 29.62 -13.37 1.81
N ARG A 299 29.16 -12.90 2.97
CA ARG A 299 28.12 -11.88 2.95
C ARG A 299 28.59 -10.66 2.15
N ALA A 300 29.85 -10.30 2.29
CA ALA A 300 30.33 -9.07 1.65
C ALA A 300 30.30 -9.23 0.13
N ARG A 301 30.62 -10.42 -0.37
CA ARG A 301 30.55 -10.66 -1.81
C ARG A 301 29.11 -10.62 -2.29
N PHE A 302 28.20 -11.19 -1.51
CA PHE A 302 26.79 -11.17 -1.88
C PHE A 302 26.26 -9.73 -1.92
N GLU A 303 26.66 -8.91 -0.94
CA GLU A 303 26.30 -7.49 -0.94
C GLU A 303 26.91 -6.74 -2.13
N GLU A 304 28.17 -7.07 -2.47
CA GLU A 304 28.81 -6.45 -3.62
C GLU A 304 28.09 -6.83 -4.91
N LEU A 305 27.71 -8.12 -5.05
CA LEU A 305 26.99 -8.57 -6.24
C LEU A 305 25.66 -7.86 -6.39
N ASN A 306 25.06 -7.40 -5.29
CA ASN A 306 23.74 -6.79 -5.30
C ASN A 306 23.78 -5.31 -4.93
N ALA A 307 24.95 -4.68 -5.04
CA ALA A 307 25.12 -3.32 -4.53
C ALA A 307 24.09 -2.38 -5.15
N ASP A 308 23.95 -2.42 -6.47
CA ASP A 308 23.03 -1.48 -7.12
C ASP A 308 21.59 -1.75 -6.72
N LEU A 309 21.19 -3.02 -6.61
CA LEU A 309 19.83 -3.33 -6.19
C LEU A 309 19.58 -2.90 -4.75
N PHE A 310 20.51 -3.19 -3.84
CA PHE A 310 20.31 -2.83 -2.43
C PHE A 310 20.21 -1.32 -2.27
N ARG A 311 21.17 -0.56 -2.80
CA ARG A 311 21.14 0.90 -2.65
C ARG A 311 19.98 1.51 -3.44
N GLY A 312 19.51 0.83 -4.49
CA GLY A 312 18.36 1.31 -5.23
C GLY A 312 17.09 1.40 -4.40
N THR A 313 16.99 0.64 -3.29
CA THR A 313 15.76 0.70 -2.52
C THR A 313 15.58 2.03 -1.80
N LEU A 314 16.62 2.84 -1.67
CA LEU A 314 16.47 4.15 -1.04
C LEU A 314 15.88 5.19 -1.97
N ASP A 315 15.85 4.95 -3.28
CA ASP A 315 15.30 5.95 -4.18
C ASP A 315 13.78 6.06 -4.05
N PRO A 316 13.01 4.95 -3.98
CA PRO A 316 11.58 5.09 -3.65
C PRO A 316 11.31 5.62 -2.27
N VAL A 317 12.18 5.36 -1.29
CA VAL A 317 11.99 5.99 0.01
C VAL A 317 12.06 7.51 -0.13
N GLU A 318 13.10 8.03 -0.81
CA GLU A 318 13.21 9.47 -1.05
C GLU A 318 12.02 10.01 -1.84
N LYS A 319 11.55 9.24 -2.83
CA LYS A 319 10.40 9.67 -3.62
C LYS A 319 9.14 9.76 -2.77
N ALA A 320 8.87 8.72 -1.97
CA ALA A 320 7.71 8.73 -1.09
C ALA A 320 7.74 9.92 -0.14
N LEU A 321 8.91 10.19 0.46
CA LEU A 321 9.03 11.33 1.37
C LEU A 321 8.73 12.63 0.65
N ARG A 322 9.23 12.79 -0.59
CA ARG A 322 8.92 13.99 -1.37
C ARG A 322 7.41 14.14 -1.55
N ASP A 323 6.74 13.05 -1.98
CA ASP A 323 5.31 13.13 -2.25
C ASP A 323 4.51 13.37 -0.97
N ALA A 324 4.98 12.87 0.17
CA ALA A 324 4.34 13.18 1.43
C ALA A 324 4.67 14.58 1.95
N LYS A 325 5.59 15.29 1.29
CA LYS A 325 6.08 16.60 1.75
C LYS A 325 6.62 16.49 3.17
N LEU A 326 7.44 15.47 3.41
CA LEU A 326 8.03 15.23 4.71
C LEU A 326 9.55 15.16 4.57
N ASP A 327 10.22 15.62 5.62
CA ASP A 327 11.63 15.34 5.83
C ASP A 327 11.79 13.97 6.48
N LYS A 328 12.95 13.33 6.25
CA LYS A 328 13.18 12.01 6.82
C LYS A 328 13.14 12.05 8.34
N SER A 329 13.46 13.20 8.95
CA SER A 329 13.43 13.33 10.40
C SER A 329 12.01 13.35 10.94
N GLN A 330 11.01 13.54 10.08
CA GLN A 330 9.63 13.63 10.53
C GLN A 330 8.94 12.27 10.58
N ILE A 331 9.65 11.19 10.29
CA ILE A 331 9.07 9.85 10.34
C ILE A 331 9.20 9.34 11.77
N HIS A 332 8.05 8.96 12.38
CA HIS A 332 8.02 8.49 13.75
C HIS A 332 8.25 7.00 13.87
N ASP A 333 7.88 6.23 12.86
CA ASP A 333 7.89 4.76 12.95
C ASP A 333 8.25 4.17 11.59
N ILE A 334 9.22 3.26 11.58
CA ILE A 334 9.61 2.52 10.39
C ILE A 334 9.27 1.05 10.62
N VAL A 335 8.54 0.43 9.67
CA VAL A 335 8.07 -0.95 9.77
C VAL A 335 8.61 -1.76 8.60
N LEU A 336 9.27 -2.89 8.92
CA LEU A 336 9.87 -3.78 7.91
C LEU A 336 8.93 -4.96 7.61
N VAL A 337 8.46 -5.04 6.36
CA VAL A 337 7.61 -6.14 5.90
C VAL A 337 8.27 -6.82 4.70
N GLY A 338 8.11 -8.13 4.63
CA GLY A 338 8.53 -8.87 3.45
C GLY A 338 9.83 -9.60 3.72
N GLY A 339 9.97 -10.80 3.12
CA GLY A 339 11.06 -11.69 3.51
C GLY A 339 12.43 -11.12 3.22
N SER A 340 12.57 -10.32 2.16
CA SER A 340 13.86 -9.75 1.85
C SER A 340 14.34 -8.71 2.86
N THR A 341 13.47 -8.24 3.75
CA THR A 341 13.95 -7.29 4.73
C THR A 341 14.79 -7.96 5.83
N ARG A 342 14.89 -9.29 5.82
CA ARG A 342 15.82 -9.95 6.71
C ARG A 342 17.27 -9.74 6.31
N ILE A 343 17.51 -9.27 5.10
CA ILE A 343 18.89 -9.11 4.61
C ILE A 343 19.58 -7.99 5.39
N PRO A 344 20.71 -8.23 6.04
CA PRO A 344 21.25 -7.22 6.98
C PRO A 344 21.69 -5.93 6.29
N LYS A 345 22.27 -6.00 5.08
CA LYS A 345 22.65 -4.78 4.37
C LYS A 345 21.45 -3.88 4.13
N ILE A 346 20.31 -4.47 3.75
CA ILE A 346 19.08 -3.69 3.58
C ILE A 346 18.76 -2.95 4.86
N GLN A 347 18.74 -3.66 6.00
CA GLN A 347 18.41 -3.04 7.28
C GLN A 347 19.42 -1.94 7.62
N LYS A 348 20.71 -2.16 7.33
CA LYS A 348 21.72 -1.17 7.65
C LYS A 348 21.59 0.06 6.77
N LEU A 349 21.31 -0.14 5.47
CA LEU A 349 21.12 1.01 4.59
C LEU A 349 19.96 1.87 5.08
N LEU A 350 18.86 1.21 5.45
CA LEU A 350 17.67 1.93 5.87
C LEU A 350 17.92 2.65 7.18
N GLN A 351 18.59 1.98 8.13
CA GLN A 351 18.85 2.59 9.42
C GLN A 351 19.80 3.80 9.28
N ASP A 352 20.89 3.64 8.52
CA ASP A 352 21.80 4.76 8.25
C ASP A 352 21.05 5.93 7.61
N PHE A 353 20.19 5.64 6.65
CA PHE A 353 19.40 6.69 6.00
C PHE A 353 18.55 7.45 7.02
N PHE A 354 18.06 6.75 8.04
CA PHE A 354 17.26 7.40 9.07
C PHE A 354 18.05 7.71 10.33
N ASN A 355 19.36 7.93 10.19
CA ASN A 355 20.23 8.43 11.26
C ASN A 355 20.14 7.57 12.51
N GLY A 356 20.18 6.25 12.32
CA GLY A 356 20.29 5.31 13.41
C GLY A 356 18.99 4.96 14.09
N LYS A 357 17.86 5.40 13.54
CA LYS A 357 16.57 5.11 14.13
C LYS A 357 16.29 3.60 14.11
N GLU A 358 15.78 3.10 15.23
CA GLU A 358 15.46 1.69 15.39
C GLU A 358 14.26 1.30 14.52
N LEU A 359 14.32 0.12 13.91
CA LEU A 359 13.28 -0.39 13.02
C LEU A 359 12.36 -1.36 13.74
N ASN A 360 11.05 -1.25 13.47
CA ASN A 360 10.07 -2.23 13.92
C ASN A 360 10.12 -3.45 13.01
N LYS A 361 10.58 -4.56 13.56
CA LYS A 361 10.81 -5.76 12.77
C LYS A 361 10.62 -7.04 13.57
N SER A 362 10.15 -6.97 14.81
CA SER A 362 10.04 -8.16 15.64
C SER A 362 9.00 -9.15 15.14
N ILE A 363 8.04 -8.73 14.33
CA ILE A 363 7.05 -9.67 13.81
C ILE A 363 7.60 -10.29 12.52
N ASN A 364 7.46 -11.60 12.39
CA ASN A 364 7.90 -12.32 11.20
C ASN A 364 7.50 -11.52 9.96
N PRO A 365 8.46 -10.99 9.20
CA PRO A 365 8.09 -10.09 8.10
C PRO A 365 7.27 -10.77 7.00
N ASP A 366 7.30 -12.10 6.91
CA ASP A 366 6.45 -12.79 5.94
C ASP A 366 4.99 -12.84 6.37
N GLU A 367 4.71 -12.67 7.66
CA GLU A 367 3.40 -12.91 8.23
C GLU A 367 2.74 -11.64 8.74
N ALA A 368 3.47 -10.52 8.78
CA ALA A 368 2.96 -9.36 9.50
C ALA A 368 1.69 -8.83 8.87
N VAL A 369 1.54 -8.93 7.55
CA VAL A 369 0.35 -8.41 6.90
C VAL A 369 -0.86 -9.26 7.28
N ALA A 370 -0.70 -10.59 7.24
CA ALA A 370 -1.76 -11.47 7.73
C ALA A 370 -2.06 -11.22 9.21
N TYR A 371 -1.01 -11.01 10.02
CA TYR A 371 -1.17 -10.67 11.43
C TYR A 371 -2.11 -9.49 11.58
N GLY A 372 -1.84 -8.39 10.88
CA GLY A 372 -2.68 -7.22 10.99
C GLY A 372 -4.10 -7.44 10.49
N ALA A 373 -4.26 -8.18 9.38
CA ALA A 373 -5.60 -8.46 8.88
C ALA A 373 -6.39 -9.27 9.90
N ALA A 374 -5.73 -10.24 10.55
CA ALA A 374 -6.40 -11.05 11.56
C ALA A 374 -6.88 -10.19 12.74
N VAL A 375 -6.09 -9.21 13.17
CA VAL A 375 -6.52 -8.31 14.24
C VAL A 375 -7.70 -7.46 13.79
N GLN A 376 -7.63 -6.90 12.58
CA GLN A 376 -8.73 -6.06 12.10
C GLN A 376 -10.00 -6.89 11.94
N ALA A 377 -9.88 -8.13 11.48
CA ALA A 377 -11.04 -9.00 11.38
C ALA A 377 -11.69 -9.21 12.75
N ALA A 378 -10.89 -9.36 13.81
CA ALA A 378 -11.43 -9.60 15.14
C ALA A 378 -12.17 -8.38 15.66
N ILE A 379 -11.64 -7.19 15.37
CA ILE A 379 -12.30 -5.95 15.79
C ILE A 379 -13.66 -5.82 15.13
N LEU A 380 -13.74 -6.13 13.83
CA LEU A 380 -15.00 -6.00 13.11
C LEU A 380 -16.00 -7.06 13.55
N SER A 381 -15.53 -8.21 14.02
CA SER A 381 -16.44 -9.22 14.54
C SER A 381 -16.94 -8.86 15.93
N GLY A 382 -16.07 -8.29 16.76
CA GLY A 382 -16.44 -7.91 18.12
C GLY A 382 -15.65 -8.66 19.18
N ASP A 395 -7.45 14.82 21.49
CA ASP A 395 -8.54 15.39 20.70
C ASP A 395 -7.99 16.21 19.53
N VAL A 396 -8.29 15.78 18.29
CA VAL A 396 -7.77 16.44 17.11
C VAL A 396 -8.91 16.64 16.10
N THR A 397 -8.70 17.56 15.18
CA THR A 397 -9.71 17.80 14.17
C THR A 397 -9.80 16.59 13.24
N PRO A 398 -11.01 16.09 12.96
CA PRO A 398 -11.12 14.90 12.08
C PRO A 398 -10.84 15.19 10.62
N LEU A 399 -11.14 16.40 10.14
CA LEU A 399 -11.05 16.73 8.72
C LEU A 399 -10.49 18.13 8.57
N SER A 400 -9.76 18.36 7.47
CA SER A 400 -9.18 19.67 7.22
C SER A 400 -10.27 20.73 7.15
N LEU A 401 -9.94 21.96 7.57
CA LEU A 401 -10.88 23.07 7.55
C LEU A 401 -10.30 24.24 6.75
N GLY A 402 -11.15 24.88 5.96
CA GLY A 402 -10.68 25.97 5.12
C GLY A 402 -11.84 26.77 4.56
N ILE A 403 -11.51 27.66 3.62
CA ILE A 403 -12.52 28.47 2.93
C ILE A 403 -12.30 28.37 1.42
N GLU A 404 -13.33 28.77 0.67
CA GLU A 404 -13.27 28.77 -0.78
C GLU A 404 -12.50 30.01 -1.24
N THR A 405 -11.49 29.81 -2.09
CA THR A 405 -10.88 30.94 -2.75
C THR A 405 -11.27 30.93 -4.22
N ALA A 406 -10.80 31.96 -4.93
CA ALA A 406 -11.21 32.22 -6.30
C ALA A 406 -11.12 30.97 -7.16
N GLY A 407 -12.19 30.69 -7.90
CA GLY A 407 -12.25 29.53 -8.75
C GLY A 407 -12.73 28.27 -8.07
N GLY A 408 -13.27 28.38 -6.85
CA GLY A 408 -13.78 27.19 -6.17
C GLY A 408 -12.72 26.32 -5.53
N VAL A 409 -11.57 26.89 -5.22
CA VAL A 409 -10.43 26.15 -4.69
C VAL A 409 -10.53 26.09 -3.16
N MET A 410 -10.27 24.91 -2.61
CA MET A 410 -10.22 24.71 -1.18
C MET A 410 -8.90 25.24 -0.63
N THR A 411 -8.95 26.23 0.24
CA THR A 411 -7.74 26.75 0.86
C THR A 411 -7.78 26.48 2.36
N VAL A 412 -6.85 25.65 2.83
CA VAL A 412 -6.93 25.06 4.17
C VAL A 412 -6.31 26.01 5.18
N LEU A 413 -7.05 26.31 6.25
CA LEU A 413 -6.54 27.05 7.41
C LEU A 413 -6.12 26.15 8.57
N ILE A 414 -6.77 25.01 8.77
CA ILE A 414 -6.40 24.04 9.80
C ILE A 414 -6.36 22.66 9.17
N LYS A 415 -5.16 22.08 9.06
CA LYS A 415 -5.04 20.71 8.56
C LYS A 415 -5.71 19.74 9.52
N ARG A 416 -6.19 18.62 8.98
CA ARG A 416 -6.72 17.58 9.86
C ARG A 416 -5.61 17.07 10.78
N ASN A 417 -6.02 16.44 11.88
CA ASN A 417 -5.13 15.92 12.91
C ASN A 417 -4.44 17.03 13.69
N THR A 418 -5.00 18.24 13.67
CA THR A 418 -4.49 19.34 14.49
C THR A 418 -5.08 19.28 15.88
N THR A 419 -4.23 19.51 16.88
CA THR A 419 -4.65 19.39 18.27
C THR A 419 -5.61 20.52 18.65
N ILE A 420 -6.63 20.18 19.43
CA ILE A 420 -7.64 21.13 19.86
C ILE A 420 -7.41 21.47 21.33
N PRO A 421 -7.51 22.75 21.77
CA PRO A 421 -7.85 23.97 21.03
C PRO A 421 -6.74 24.48 20.12
N THR A 422 -7.12 25.33 19.16
CA THR A 422 -6.17 25.86 18.19
C THR A 422 -6.77 27.09 17.53
N LYS A 423 -5.89 27.96 17.01
CA LYS A 423 -6.28 29.22 16.42
C LYS A 423 -5.39 29.43 15.21
N GLN A 424 -6.00 29.64 14.04
CA GLN A 424 -5.26 29.85 12.82
C GLN A 424 -5.82 31.05 12.09
N THR A 425 -4.94 31.93 11.64
CA THR A 425 -5.30 33.14 10.90
C THR A 425 -4.56 33.17 9.58
N GLN A 426 -5.23 33.68 8.53
CA GLN A 426 -4.57 33.93 7.27
C GLN A 426 -5.16 35.19 6.64
N THR A 427 -4.39 35.85 5.80
CA THR A 427 -4.77 37.11 5.16
C THR A 427 -5.12 36.88 3.70
N PHE A 428 -6.25 37.43 3.26
CA PHE A 428 -6.73 37.25 1.90
C PHE A 428 -6.95 38.62 1.26
N THR A 429 -7.18 38.62 -0.05
CA THR A 429 -7.48 39.85 -0.76
C THR A 429 -8.65 39.61 -1.71
N THR A 430 -9.00 40.64 -2.46
CA THR A 430 -10.11 40.53 -3.41
C THR A 430 -9.59 40.06 -4.76
N TYR A 431 -10.49 39.47 -5.55
CA TYR A 431 -10.14 38.91 -6.85
C TYR A 431 -10.33 39.90 -8.00
N SER A 432 -11.30 40.80 -7.89
CA SER A 432 -11.63 41.76 -8.92
C SER A 432 -11.52 43.18 -8.38
N ASP A 433 -11.36 44.14 -9.29
CA ASP A 433 -11.23 45.53 -8.91
C ASP A 433 -12.57 46.07 -8.41
N ASN A 434 -12.48 46.99 -7.46
CA ASN A 434 -13.66 47.58 -6.78
C ASN A 434 -14.64 46.51 -6.30
N GLN A 435 -14.11 45.44 -5.73
CA GLN A 435 -14.99 44.40 -5.17
C GLN A 435 -15.64 44.93 -3.90
N PRO A 436 -16.96 44.99 -3.83
CA PRO A 436 -17.61 45.60 -2.66
C PRO A 436 -17.65 44.68 -1.43
N GLY A 437 -17.41 43.39 -1.60
CA GLY A 437 -17.45 42.48 -0.46
C GLY A 437 -16.83 41.14 -0.79
N VAL A 438 -16.61 40.32 0.24
CA VAL A 438 -16.17 38.96 0.00
C VAL A 438 -17.15 38.00 0.67
N LEU A 439 -17.24 36.80 0.12
CA LEU A 439 -18.08 35.75 0.67
C LEU A 439 -17.16 34.73 1.34
N ILE A 440 -17.31 34.56 2.64
CA ILE A 440 -16.50 33.60 3.38
C ILE A 440 -17.32 32.32 3.48
N GLN A 441 -16.83 31.24 2.88
CA GLN A 441 -17.53 29.96 2.81
C GLN A 441 -16.64 28.90 3.47
N VAL A 442 -17.09 28.35 4.59
CA VAL A 442 -16.28 27.41 5.39
C VAL A 442 -16.55 25.99 4.90
N TYR A 443 -15.48 25.29 4.51
CA TYR A 443 -15.60 23.91 4.06
C TYR A 443 -14.78 22.96 4.92
N GLU A 444 -15.20 21.70 4.89
CA GLU A 444 -14.53 20.63 5.60
C GLU A 444 -14.30 19.48 4.62
N GLY A 445 -13.08 18.95 4.58
CA GLY A 445 -12.84 17.82 3.70
C GLY A 445 -11.41 17.83 3.20
N GLU A 446 -11.02 16.83 2.41
CA GLU A 446 -9.63 16.68 2.00
C GLU A 446 -9.41 16.85 0.51
N ARG A 447 -10.43 17.21 -0.25
CA ARG A 447 -10.31 17.37 -1.69
C ARG A 447 -9.82 18.78 -2.05
N ALA A 448 -9.29 18.93 -3.26
CA ALA A 448 -8.71 20.19 -3.68
C ALA A 448 -9.75 21.23 -4.08
N MET A 449 -10.94 20.81 -4.50
CA MET A 449 -12.00 21.72 -4.90
C MET A 449 -13.16 21.68 -3.90
N THR A 450 -13.73 22.85 -3.63
CA THR A 450 -14.78 22.92 -2.62
C THR A 450 -15.98 22.06 -2.98
N LYS A 451 -16.29 21.94 -4.27
CA LYS A 451 -17.42 21.11 -4.69
C LYS A 451 -17.30 19.68 -4.15
N ASP A 452 -16.10 19.18 -3.92
CA ASP A 452 -15.93 17.83 -3.40
C ASP A 452 -15.77 17.79 -1.87
N ASN A 453 -15.90 18.92 -1.18
CA ASN A 453 -15.87 18.93 0.28
C ASN A 453 -17.26 19.27 0.82
N ASN A 454 -17.37 19.45 2.14
CA ASN A 454 -18.66 19.69 2.79
C ASN A 454 -18.75 21.13 3.25
N LEU A 455 -19.77 21.84 2.75
CA LEU A 455 -20.01 23.23 3.16
C LEU A 455 -20.55 23.26 4.58
N LEU A 456 -19.89 23.99 5.48
CA LEU A 456 -20.38 24.08 6.86
C LEU A 456 -21.14 25.36 7.14
N GLY A 457 -20.83 26.44 6.43
CA GLY A 457 -21.46 27.71 6.73
C GLY A 457 -20.83 28.79 5.88
N LYS A 458 -21.56 29.89 5.75
CA LYS A 458 -21.06 31.00 4.96
C LYS A 458 -21.58 32.30 5.55
N PHE A 459 -20.80 33.36 5.33
CA PHE A 459 -21.19 34.68 5.75
C PHE A 459 -20.47 35.67 4.83
N GLU A 460 -21.00 36.88 4.73
CA GLU A 460 -20.45 37.90 3.85
C GLU A 460 -19.78 38.99 4.67
N LEU A 461 -18.68 39.52 4.14
CA LEU A 461 -18.04 40.72 4.69
C LEU A 461 -18.16 41.80 3.63
N THR A 462 -19.07 42.75 3.86
CA THR A 462 -19.35 43.84 2.92
C THR A 462 -18.80 45.15 3.46
N GLY A 463 -18.94 46.20 2.67
CA GLY A 463 -18.43 47.51 3.06
C GLY A 463 -16.96 47.71 2.76
N ILE A 464 -16.40 46.88 1.89
CA ILE A 464 -14.99 47.05 1.51
C ILE A 464 -14.86 48.30 0.64
N PRO A 465 -13.99 49.23 0.99
CA PRO A 465 -13.82 50.44 0.16
C PRO A 465 -13.28 50.09 -1.22
N PRO A 466 -13.80 50.74 -2.26
CA PRO A 466 -13.38 50.42 -3.63
C PRO A 466 -11.88 50.57 -3.80
N ALA A 467 -11.26 49.56 -4.42
CA ALA A 467 -9.81 49.49 -4.53
C ALA A 467 -9.47 48.53 -5.66
N PRO A 468 -8.27 48.64 -6.24
CA PRO A 468 -7.87 47.68 -7.28
C PRO A 468 -7.74 46.27 -6.72
N ARG A 469 -7.86 45.30 -7.62
CA ARG A 469 -7.67 43.89 -7.29
C ARG A 469 -6.39 43.70 -6.48
N GLY A 470 -6.50 42.98 -5.37
CA GLY A 470 -5.34 42.63 -4.58
C GLY A 470 -4.94 43.62 -3.51
N VAL A 471 -5.59 44.79 -3.44
CA VAL A 471 -5.23 45.80 -2.43
C VAL A 471 -5.93 45.52 -1.10
N PRO A 472 -7.27 45.41 -1.05
CA PRO A 472 -7.93 45.23 0.26
C PRO A 472 -7.41 43.99 0.96
N GLN A 473 -7.26 44.09 2.28
CA GLN A 473 -6.67 43.02 3.07
C GLN A 473 -7.71 42.52 4.06
N ILE A 474 -8.04 41.23 3.99
CA ILE A 474 -9.06 40.63 4.84
C ILE A 474 -8.40 39.53 5.64
N GLU A 475 -8.45 39.62 6.96
CA GLU A 475 -7.90 38.57 7.81
C GLU A 475 -9.02 37.65 8.26
N VAL A 476 -8.84 36.36 8.00
CA VAL A 476 -9.80 35.32 8.35
C VAL A 476 -9.23 34.51 9.50
N THR A 477 -10.01 34.35 10.56
CA THR A 477 -9.56 33.62 11.74
C THR A 477 -10.46 32.42 11.99
N PHE A 478 -9.83 31.26 12.14
CA PHE A 478 -10.48 30.01 12.55
C PHE A 478 -10.07 29.73 13.99
N ASP A 479 -11.05 29.67 14.89
CA ASP A 479 -10.76 29.40 16.30
C ASP A 479 -11.60 28.22 16.75
N ILE A 480 -10.95 27.22 17.34
CA ILE A 480 -11.65 26.07 17.90
C ILE A 480 -11.29 26.02 19.38
N ASP A 481 -12.29 26.12 20.24
CA ASP A 481 -12.07 26.08 21.69
C ASP A 481 -12.01 24.63 22.18
N ALA A 482 -11.86 24.46 23.50
CA ALA A 482 -11.74 23.11 24.04
C ALA A 482 -13.05 22.33 23.90
N ASN A 483 -14.20 23.02 23.88
CA ASN A 483 -15.48 22.35 23.71
C ASN A 483 -15.69 21.82 22.29
N GLY A 484 -14.85 22.20 21.34
CA GLY A 484 -14.99 21.73 19.98
C GLY A 484 -15.78 22.65 19.08
N ILE A 485 -16.25 23.79 19.57
CA ILE A 485 -17.01 24.74 18.76
C ILE A 485 -16.05 25.55 17.91
N LEU A 486 -16.40 25.74 16.65
CA LEU A 486 -15.57 26.46 15.68
C LEU A 486 -16.13 27.86 15.50
N ASN A 487 -15.30 28.87 15.77
CA ASN A 487 -15.68 30.25 15.48
C ASN A 487 -14.83 30.77 14.33
N VAL A 488 -15.49 31.18 13.25
CA VAL A 488 -14.82 31.69 12.07
C VAL A 488 -15.15 33.16 11.96
N SER A 489 -14.13 34.01 11.88
CA SER A 489 -14.34 35.45 11.76
C SER A 489 -13.47 36.03 10.66
N ALA A 490 -13.93 37.16 10.11
CA ALA A 490 -13.21 37.92 9.09
C ALA A 490 -13.23 39.40 9.45
N VAL A 491 -12.11 40.09 9.23
CA VAL A 491 -11.96 41.52 9.54
C VAL A 491 -11.39 42.23 8.33
N ASP A 492 -12.04 43.31 7.90
CA ASP A 492 -11.40 44.22 6.95
C ASP A 492 -10.28 44.97 7.68
N LYS A 493 -9.02 44.74 7.27
CA LYS A 493 -7.87 45.31 7.98
C LYS A 493 -7.76 46.83 7.82
N SER A 494 -8.47 47.44 6.88
CA SER A 494 -8.41 48.88 6.69
C SER A 494 -9.40 49.64 7.55
N THR A 495 -10.45 48.98 8.03
CA THR A 495 -11.48 49.64 8.80
C THR A 495 -11.71 49.04 10.18
N GLY A 496 -11.35 47.77 10.39
CA GLY A 496 -11.73 47.03 11.58
C GLY A 496 -13.11 46.40 11.55
N LYS A 497 -13.93 46.66 10.54
CA LYS A 497 -15.24 46.05 10.46
C LYS A 497 -15.09 44.55 10.28
N GLU A 498 -15.96 43.80 10.93
CA GLU A 498 -15.79 42.36 10.97
C GLU A 498 -17.15 41.67 10.89
N ASN A 499 -17.09 40.37 10.68
CA ASN A 499 -18.28 39.54 10.74
C ASN A 499 -17.81 38.14 11.08
N LYS A 500 -18.75 37.32 11.55
CA LYS A 500 -18.39 36.09 12.24
C LYS A 500 -19.50 35.07 12.10
N ILE A 501 -19.14 33.79 12.17
CA ILE A 501 -20.11 32.71 12.20
C ILE A 501 -19.63 31.69 13.24
N THR A 502 -20.56 31.05 13.91
CA THR A 502 -20.27 29.99 14.85
C THR A 502 -20.80 28.67 14.31
N ILE A 503 -19.98 27.63 14.37
CA ILE A 503 -20.30 26.35 13.77
C ILE A 503 -20.22 25.28 14.86
N THR A 504 -21.33 24.58 15.07
CA THR A 504 -21.47 23.62 16.16
C THR A 504 -20.90 22.26 15.76
N ASN A 505 -20.41 21.52 16.75
CA ASN A 505 -19.84 20.18 16.53
C ASN A 505 -20.44 19.23 17.56
N ASP A 506 -21.73 18.93 17.39
CA ASP A 506 -22.41 18.02 18.30
C ASP A 506 -21.86 16.60 18.15
N LYS A 507 -21.98 15.81 19.22
CA LYS A 507 -21.55 14.43 19.16
C LYS A 507 -22.39 13.66 18.16
N GLY A 508 -21.73 12.85 17.34
CA GLY A 508 -22.43 12.13 16.30
C GLY A 508 -22.65 12.90 15.03
N ARG A 509 -22.09 14.11 14.91
CA ARG A 509 -22.13 14.82 13.63
C ARG A 509 -21.42 14.01 12.56
N LEU A 510 -20.19 13.60 12.85
CA LEU A 510 -19.43 12.70 11.97
C LEU A 510 -19.16 11.40 12.71
N SER A 511 -19.50 10.28 12.08
CA SER A 511 -19.09 8.98 12.56
C SER A 511 -17.67 8.68 12.09
N LYS A 512 -17.06 7.66 12.70
CA LYS A 512 -15.73 7.26 12.25
C LYS A 512 -15.78 6.79 10.81
N GLU A 513 -16.90 6.19 10.38
CA GLU A 513 -17.05 5.77 9.00
C GLU A 513 -17.11 6.95 8.05
N ASP A 514 -17.84 8.01 8.44
CA ASP A 514 -17.90 9.21 7.62
C ASP A 514 -16.51 9.80 7.40
N ILE A 515 -15.68 9.81 8.46
CA ILE A 515 -14.32 10.33 8.33
C ILE A 515 -13.52 9.46 7.39
N GLU A 516 -13.62 8.13 7.54
CA GLU A 516 -12.84 7.23 6.72
C GLU A 516 -13.25 7.35 5.25
N ARG A 517 -14.54 7.55 4.98
CA ARG A 517 -14.99 7.73 3.61
C ARG A 517 -14.32 8.94 2.99
N MET A 518 -14.32 10.07 3.71
CA MET A 518 -13.71 11.30 3.21
C MET A 518 -12.22 11.10 2.95
N VAL A 519 -11.55 10.41 3.87
CA VAL A 519 -10.12 10.14 3.71
C VAL A 519 -9.89 9.28 2.47
N GLN A 520 -10.71 8.23 2.28
CA GLN A 520 -10.52 7.31 1.16
C GLN A 520 -10.73 8.01 -0.18
N GLU A 521 -11.75 8.86 -0.28
CA GLU A 521 -11.94 9.64 -1.50
C GLU A 521 -10.73 10.49 -1.80
N ALA A 522 -10.12 11.07 -0.77
CA ALA A 522 -8.90 11.86 -0.95
C ALA A 522 -7.77 11.01 -1.50
N GLU A 523 -7.59 9.78 -0.98
CA GLU A 523 -6.53 8.92 -1.49
C GLU A 523 -6.82 8.46 -2.91
N LYS A 524 -8.10 8.27 -3.25
CA LYS A 524 -8.47 7.79 -4.57
C LYS A 524 -8.15 8.84 -5.65
N TYR A 525 -8.48 10.11 -5.37
CA TYR A 525 -8.30 11.18 -6.33
C TYR A 525 -7.02 11.97 -6.08
N LYS A 526 -6.04 11.36 -5.43
CA LYS A 526 -4.84 12.10 -5.03
C LYS A 526 -4.12 12.65 -6.25
N ALA A 527 -4.10 11.88 -7.34
CA ALA A 527 -3.42 12.33 -8.55
C ALA A 527 -4.10 13.56 -9.15
N GLU A 528 -5.41 13.49 -9.36
CA GLU A 528 -6.13 14.65 -9.92
C GLU A 528 -5.96 15.87 -9.04
N ASP A 529 -6.09 15.71 -7.72
CA ASP A 529 -6.08 16.85 -6.83
C ASP A 529 -4.68 17.47 -6.74
N GLU A 530 -3.63 16.64 -6.68
CA GLU A 530 -2.28 17.18 -6.54
C GLU A 530 -1.89 17.97 -7.78
N LYS A 531 -2.33 17.54 -8.96
CA LYS A 531 -2.09 18.35 -10.15
C LYS A 531 -2.95 19.61 -10.14
N GLN A 532 -4.11 19.57 -9.46
CA GLN A 532 -4.90 20.79 -9.30
C GLN A 532 -4.21 21.78 -8.39
N ARG A 533 -3.48 21.28 -7.39
CA ARG A 533 -2.77 22.17 -6.47
C ARG A 533 -1.56 22.80 -7.15
N ASP A 534 -0.92 22.08 -8.08
CA ASP A 534 0.09 22.72 -8.93
C ASP A 534 -0.53 23.74 -9.86
N LYS A 535 -1.73 23.44 -10.38
CA LYS A 535 -2.36 24.27 -11.38
C LYS A 535 -2.80 25.62 -10.82
N VAL A 536 -3.16 25.69 -9.54
CA VAL A 536 -3.73 26.90 -8.97
C VAL A 536 -2.68 28.01 -8.96
N SER A 537 -3.13 29.25 -9.16
CA SER A 537 -2.25 30.41 -9.26
C SER A 537 -2.27 31.30 -8.03
N SER A 538 -3.47 31.65 -7.54
CA SER A 538 -3.62 32.51 -6.37
C SER A 538 -4.50 31.83 -5.34
N LYS A 539 -3.96 31.62 -4.14
CA LYS A 539 -4.72 31.00 -3.06
C LYS A 539 -5.00 31.97 -1.92
N ASN A 540 -4.90 33.28 -2.18
CA ASN A 540 -5.27 34.29 -1.20
C ASN A 540 -6.32 35.25 -1.74
N SER A 541 -6.96 34.92 -2.86
CA SER A 541 -7.97 35.79 -3.44
C SER A 541 -9.36 35.23 -3.15
N LEU A 542 -10.27 36.13 -2.80
CA LEU A 542 -11.65 35.81 -2.45
C LEU A 542 -12.60 36.50 -3.42
N GLU A 543 -13.61 35.76 -3.88
CA GLU A 543 -14.64 36.32 -4.72
C GLU A 543 -15.87 36.70 -3.88
N SER A 544 -16.85 37.30 -4.53
CA SER A 544 -18.05 37.74 -3.84
C SER A 544 -19.23 36.80 -4.06
N TYR A 545 -19.04 35.71 -4.82
CA TYR A 545 -20.09 34.75 -5.13
C TYR A 545 -19.61 33.34 -4.80
N ALA A 546 -20.57 32.42 -4.62
CA ALA A 546 -20.24 30.99 -4.50
C ALA A 546 -19.91 30.42 -5.87
N PHE A 547 -18.69 29.90 -6.04
CA PHE A 547 -18.29 29.32 -7.31
C PHE A 547 -19.19 28.13 -7.69
N ASN A 548 -19.62 27.35 -6.70
CA ASN A 548 -20.39 26.14 -7.00
C ASN A 548 -21.83 26.44 -7.43
N MET A 549 -22.34 27.63 -7.19
CA MET A 549 -23.65 27.99 -7.74
C MET A 549 -23.54 28.74 -9.07
N LYS A 550 -22.33 28.94 -9.58
CA LYS A 550 -22.19 29.64 -10.85
C LYS A 550 -22.50 28.68 -12.00
N ALA A 551 -23.30 29.13 -12.96
CA ALA A 551 -23.69 28.27 -14.07
C ALA A 551 -22.47 27.78 -14.87
N1 EPE B . -20.49 16.94 -0.56
C2 EPE B . -21.28 15.70 -0.57
C3 EPE B . -20.57 14.59 0.17
N4 EPE B . -19.22 14.41 -0.34
C5 EPE B . -18.43 15.60 -0.51
C6 EPE B . -19.19 16.70 -1.23
C7 EPE B . -18.51 13.19 0.00
C8 EPE B . -19.48 12.04 0.23
O8 EPE B . -18.87 11.10 1.09
C9 EPE B . -21.21 17.98 -1.32
C10 EPE B . -22.51 18.29 -0.61
S EPE B . -22.30 19.01 1.04
O1S EPE B . -21.58 20.28 0.90
O2S EPE B . -23.62 19.23 1.60
O3S EPE B . -21.56 18.06 1.88
C1 LZ1 C . -15.11 20.91 13.46
C2 LZ1 C . -15.42 21.58 14.61
C3 LZ1 C . -16.61 22.34 14.70
C4 LZ1 C . -17.47 22.38 13.62
C5 LZ1 C . -17.16 21.71 12.45
C6 LZ1 C . -15.99 20.97 12.36
N LZ1 C . -13.92 20.29 13.64
C9 LZ1 C . -14.39 21.35 15.51
N2 LZ1 C . -13.48 20.56 14.92
S DMS D . 16.21 -31.70 -9.76
O DMS D . 15.15 -32.40 -10.56
C1 DMS D . 16.11 -32.15 -8.00
C2 DMS D . 15.85 -29.93 -9.68
C1 GOL E . 1.98 -5.71 -9.09
O1 GOL E . 2.08 -4.33 -8.94
C2 GOL E . 0.51 -6.13 -8.78
O2 GOL E . -0.41 -5.20 -9.18
C3 GOL E . 0.48 -6.38 -7.26
O3 GOL E . 1.46 -7.35 -7.01
K K F . -2.55 -8.87 0.08
K K G . 5.97 -6.15 -1.49
CAA TMO H . 8.56 -17.86 3.63
NAC TMO H . 8.49 -17.81 2.18
CAD TMO H . 8.54 -19.16 1.66
CAB TMO H . 7.24 -17.19 1.76
OAE TMO H . 9.55 -17.05 1.68
#